data_4QM0
#
_entry.id   4QM0
#
_cell.length_a   99.051
_cell.length_b   99.051
_cell.length_c   129.666
_cell.angle_alpha   90.00
_cell.angle_beta   90.00
_cell.angle_gamma   120.00
#
_symmetry.space_group_name_H-M   'P 61'
#
loop_
_entity.id
_entity.type
_entity.pdbx_description
1 polymer 'Nuclear receptor ROR-gamma'
2 non-polymer N-(2-methylpropyl)-N-({5-[4-(methylsulfonyl)phenyl]thiophen-2-yl}methyl)-1-phenylmethanesulfonamide
3 non-polymer 'DIMETHYL SULFOXIDE'
4 water water
#
_entity_poly.entity_id   1
_entity_poly.type   'polypeptide(L)'
_entity_poly.pdbx_seq_one_letter_code
;GSAPYASLTEIEHLVQSVCKSYRETCQLRLEDLLRQRSNIFSREEVTGYQRKSMWEMWERCAHHLTEAIQYVVEFAKRLS
GFMELCQNDQIVLLKAGAMEVVLVRMCRAYNADNRTVFFEGKYGGMELFRALGCSELISSIFDFSHSLSALHFSEDEIAL
YTALVLINAHRPGLQEKRKVEQLQYNLELAFHHHLCKTHRQSILAKLPPKGKLRSLCSQHVERLQIFQHLHPIVVQAAFP
PLYKELFSGNS
;
_entity_poly.pdbx_strand_id   A,C
#
loop_
_chem_comp.id
_chem_comp.type
_chem_comp.name
_chem_comp.formula
39K non-polymer N-(2-methylpropyl)-N-({5-[4-(methylsulfonyl)phenyl]thiophen-2-yl}methyl)-1-phenylmethanesulfonamide 'C23 H27 N O4 S3'
DMS non-polymer 'DIMETHYL SULFOXIDE' 'C2 H6 O S'
#
# COMPACT_ATOMS: atom_id res chain seq x y z
N ALA A 6 -6.12 -29.93 -18.79
CA ALA A 6 -4.69 -29.73 -18.78
C ALA A 6 -3.92 -31.02 -18.62
N SER A 7 -2.84 -31.17 -19.37
CA SER A 7 -2.00 -32.37 -19.30
C SER A 7 -1.07 -32.30 -18.10
N LEU A 8 -0.54 -33.47 -17.68
CA LEU A 8 0.37 -33.53 -16.54
C LEU A 8 1.61 -32.69 -16.77
N THR A 9 1.99 -32.52 -18.03
CA THR A 9 3.12 -31.67 -18.40
C THR A 9 2.84 -30.21 -18.06
N GLU A 10 1.61 -29.78 -18.27
CA GLU A 10 1.23 -28.40 -17.97
C GLU A 10 0.93 -28.22 -16.49
N ILE A 11 0.46 -29.27 -15.83
CA ILE A 11 0.23 -29.22 -14.41
C ILE A 11 1.58 -29.00 -13.73
N GLU A 12 2.59 -29.75 -14.19
CA GLU A 12 3.92 -29.65 -13.61
C GLU A 12 4.55 -28.27 -13.84
N HIS A 13 4.23 -27.66 -14.97
CA HIS A 13 4.68 -26.29 -15.21
C HIS A 13 3.97 -25.27 -14.30
N LEU A 14 2.67 -25.47 -14.05
CA LEU A 14 1.97 -24.68 -13.04
C LEU A 14 2.61 -24.83 -11.65
N VAL A 15 2.92 -26.08 -11.26
CA VAL A 15 3.65 -26.34 -10.02
C VAL A 15 4.94 -25.48 -9.94
N GLN A 16 5.77 -25.57 -10.97
CA GLN A 16 7.06 -24.87 -10.98
C GLN A 16 6.89 -23.36 -10.95
N SER A 17 5.89 -22.90 -11.69
CA SER A 17 5.58 -21.49 -11.72
C SER A 17 5.13 -20.95 -10.36
N VAL A 18 4.22 -21.67 -9.69
CA VAL A 18 3.73 -21.26 -8.37
C VAL A 18 4.86 -21.22 -7.35
N CYS A 19 5.71 -22.25 -7.36
CA CYS A 19 6.83 -22.33 -6.43
C CYS A 19 7.90 -21.24 -6.66
N LYS A 20 8.10 -20.87 -7.91
CA LYS A 20 9.03 -19.79 -8.24
C LYS A 20 8.48 -18.43 -7.78
N SER A 21 7.19 -18.23 -7.98
CA SER A 21 6.53 -17.00 -7.52
C SER A 21 6.61 -16.86 -6.01
N TYR A 22 6.55 -17.99 -5.31
CA TYR A 22 6.65 -17.97 -3.87
C TYR A 22 8.06 -17.61 -3.40
N ARG A 23 9.04 -18.24 -4.02
CA ARG A 23 10.45 -18.02 -3.69
C ARG A 23 10.85 -16.55 -3.93
N GLU A 24 10.24 -15.91 -4.93
CA GLU A 24 10.56 -14.50 -5.21
C GLU A 24 9.88 -13.55 -4.23
N THR A 25 8.88 -14.05 -3.51
CA THR A 25 8.08 -13.18 -2.66
C THR A 25 7.96 -13.70 -1.24
N CYS A 26 8.87 -14.60 -0.85
CA CYS A 26 8.75 -15.28 0.44
C CYS A 26 9.16 -14.38 1.60
N GLN A 27 9.71 -13.22 1.27
CA GLN A 27 10.06 -12.15 2.20
C GLN A 27 11.34 -12.42 3.01
N LEU A 28 11.34 -13.44 3.84
CA LEU A 28 12.57 -13.86 4.51
C LEU A 28 12.96 -15.26 4.03
N ARG A 29 14.26 -15.47 3.79
CA ARG A 29 14.76 -16.74 3.30
C ARG A 29 14.74 -17.77 4.42
N LEU A 30 14.22 -18.96 4.12
CA LEU A 30 14.13 -20.01 5.12
C LEU A 30 15.51 -20.29 5.72
N GLU A 31 16.51 -20.24 4.85
CA GLU A 31 17.89 -20.46 5.24
C GLU A 31 18.33 -19.49 6.34
N ASP A 32 17.98 -18.22 6.18
CA ASP A 32 18.27 -17.22 7.21
C ASP A 32 17.50 -17.46 8.51
N LEU A 33 16.20 -17.72 8.38
CA LEU A 33 15.37 -18.01 9.55
C LEU A 33 15.92 -19.16 10.40
N LEU A 34 16.34 -20.24 9.73
CA LEU A 34 16.83 -21.42 10.43
C LEU A 34 18.19 -21.16 11.08
N ARG A 35 19.01 -20.37 10.39
CA ARG A 35 20.33 -19.99 10.86
C ARG A 35 20.24 -19.11 12.11
N GLN A 36 19.27 -18.20 12.13
CA GLN A 36 19.17 -17.23 13.22
C GLN A 36 18.43 -17.77 14.45
N ARG A 37 18.16 -19.06 14.47
CA ARG A 37 17.42 -19.66 15.58
C ARG A 37 18.13 -19.52 16.92
N SER A 38 19.44 -19.32 16.88
CA SER A 38 20.25 -19.23 18.10
C SER A 38 20.34 -17.80 18.61
N ASN A 39 20.05 -16.85 17.74
CA ASN A 39 19.98 -15.44 18.10
C ASN A 39 18.64 -15.15 18.80
N ILE A 40 18.61 -15.36 20.11
CA ILE A 40 17.39 -15.26 20.92
C ILE A 40 17.43 -13.99 21.77
N PHE A 41 16.28 -13.39 22.02
CA PHE A 41 16.20 -12.22 22.88
C PHE A 41 16.61 -12.56 24.32
N SER A 42 17.51 -11.77 24.88
CA SER A 42 17.87 -11.89 26.29
C SER A 42 16.70 -11.44 27.16
N ARG A 43 16.77 -11.79 28.44
CA ARG A 43 15.73 -11.45 29.40
C ARG A 43 15.57 -9.93 29.49
N GLU A 44 16.67 -9.21 29.40
CA GLU A 44 16.63 -7.76 29.42
C GLU A 44 15.91 -7.26 28.19
N GLU A 45 16.18 -7.89 27.06
CA GLU A 45 15.53 -7.50 25.81
C GLU A 45 14.03 -7.77 25.87
N VAL A 46 13.65 -8.94 26.36
CA VAL A 46 12.24 -9.29 26.53
C VAL A 46 11.55 -8.25 27.41
N THR A 47 12.17 -7.90 28.53
CA THR A 47 11.66 -6.88 29.44
C THR A 47 11.52 -5.52 28.74
N GLY A 48 12.46 -5.21 27.87
CA GLY A 48 12.37 -3.99 27.09
C GLY A 48 11.10 -3.96 26.26
N TYR A 49 10.78 -5.08 25.63
CA TYR A 49 9.56 -5.17 24.83
C TYR A 49 8.30 -5.11 25.70
N GLN A 50 8.36 -5.73 26.87
CA GLN A 50 7.20 -5.77 27.76
C GLN A 50 6.88 -4.39 28.36
N ARG A 51 7.85 -3.49 28.40
CA ARG A 51 7.63 -2.17 28.99
C ARG A 51 7.00 -1.20 28.02
N LYS A 52 7.11 -1.50 26.73
CA LYS A 52 6.53 -0.63 25.70
C LYS A 52 5.02 -0.58 25.84
N SER A 53 4.45 0.54 25.44
CA SER A 53 3.01 0.71 25.40
C SER A 53 2.43 -0.29 24.41
N MET A 54 1.18 -0.67 24.62
CA MET A 54 0.43 -1.41 23.60
C MET A 54 0.45 -0.63 22.28
N TRP A 55 0.46 0.71 22.36
CA TRP A 55 0.46 1.54 21.15
C TRP A 55 1.75 1.46 20.37
N GLU A 56 2.88 1.33 21.05
CA GLU A 56 4.13 1.12 20.36
C GLU A 56 4.21 -0.29 19.77
N MET A 57 3.86 -1.31 20.55
CA MET A 57 3.89 -2.69 20.03
C MET A 57 2.95 -2.85 18.86
N TRP A 58 1.78 -2.22 18.96
CA TRP A 58 0.86 -2.19 17.84
C TRP A 58 1.48 -1.59 16.58
N GLU A 59 2.17 -0.47 16.70
CA GLU A 59 2.73 0.12 15.50
C GLU A 59 3.87 -0.71 14.89
N ARG A 60 4.68 -1.35 15.73
CA ARG A 60 5.66 -2.26 15.22
C ARG A 60 4.97 -3.44 14.52
N CYS A 61 3.96 -4.02 15.17
CA CYS A 61 3.22 -5.16 14.62
C CYS A 61 2.46 -4.78 13.35
N ALA A 62 1.93 -3.56 13.33
CA ALA A 62 1.22 -3.09 12.15
C ALA A 62 2.18 -2.94 10.99
N HIS A 63 3.37 -2.43 11.28
CA HIS A 63 4.40 -2.32 10.24
C HIS A 63 4.77 -3.68 9.64
N HIS A 64 4.98 -4.69 10.50
CA HIS A 64 5.38 -6.01 10.03
C HIS A 64 4.26 -6.75 9.27
N LEU A 65 3.04 -6.62 9.76
CA LEU A 65 1.88 -7.18 9.09
C LEU A 65 1.65 -6.56 7.70
N THR A 66 1.69 -5.24 7.66
CA THR A 66 1.47 -4.52 6.40
C THR A 66 2.49 -4.97 5.37
N GLU A 67 3.75 -5.02 5.79
CA GLU A 67 4.80 -5.49 4.93
C GLU A 67 4.58 -6.97 4.49
N ALA A 68 4.18 -7.83 5.41
CA ALA A 68 3.94 -9.25 5.06
C ALA A 68 2.82 -9.32 4.03
N ILE A 69 1.80 -8.50 4.23
CA ILE A 69 0.66 -8.47 3.30
C ILE A 69 1.07 -7.98 1.91
N GLN A 70 1.95 -6.98 1.84
CA GLN A 70 2.51 -6.52 0.56
C GLN A 70 3.16 -7.69 -0.20
N TYR A 71 3.95 -8.50 0.50
CA TYR A 71 4.57 -9.67 -0.14
C TYR A 71 3.56 -10.70 -0.62
N VAL A 72 2.50 -10.91 0.16
CA VAL A 72 1.38 -11.78 -0.25
C VAL A 72 0.66 -11.24 -1.51
N VAL A 73 0.46 -9.94 -1.57
CA VAL A 73 -0.15 -9.34 -2.76
C VAL A 73 0.75 -9.56 -3.99
N GLU A 74 2.05 -9.38 -3.80
CA GLU A 74 3.01 -9.59 -4.89
C GLU A 74 2.99 -11.06 -5.37
N PHE A 75 2.89 -11.99 -4.42
CA PHE A 75 2.78 -13.41 -4.74
C PHE A 75 1.56 -13.66 -5.62
N ALA A 76 0.42 -13.09 -5.24
CA ALA A 76 -0.83 -13.29 -5.98
C ALA A 76 -0.68 -12.77 -7.40
N LYS A 77 -0.06 -11.61 -7.53
CA LYS A 77 0.06 -10.97 -8.84
C LYS A 77 0.94 -11.79 -9.77
N ARG A 78 1.84 -12.60 -9.21
CA ARG A 78 2.69 -13.46 -10.02
C ARG A 78 2.11 -14.84 -10.25
N LEU A 79 0.95 -15.08 -9.64
CA LEU A 79 0.27 -16.35 -9.77
C LEU A 79 -0.40 -16.44 -11.14
N SER A 80 -0.13 -17.53 -11.86
CA SER A 80 -0.67 -17.71 -13.18
C SER A 80 -2.20 -17.58 -13.19
N GLY A 81 -2.71 -16.68 -14.02
CA GLY A 81 -4.13 -16.49 -14.12
C GLY A 81 -4.71 -15.43 -13.19
N PHE A 82 -4.04 -15.14 -12.07
CA PHE A 82 -4.58 -14.15 -11.14
C PHE A 82 -4.81 -12.76 -11.78
N MET A 83 -3.83 -12.28 -12.52
CA MET A 83 -3.93 -10.95 -13.13
C MET A 83 -4.92 -10.94 -14.29
N GLU A 84 -5.32 -12.12 -14.74
CA GLU A 84 -6.32 -12.24 -15.80
C GLU A 84 -7.75 -12.12 -15.26
N LEU A 85 -7.91 -12.24 -13.94
CA LEU A 85 -9.20 -11.98 -13.29
C LEU A 85 -9.55 -10.49 -13.31
N CYS A 86 -10.84 -10.18 -13.27
CA CYS A 86 -11.26 -8.79 -13.21
C CYS A 86 -10.76 -8.18 -11.91
N GLN A 87 -10.72 -6.85 -11.86
CA GLN A 87 -10.16 -6.15 -10.71
C GLN A 87 -10.98 -6.36 -9.44
N ASN A 88 -12.30 -6.40 -9.58
CA ASN A 88 -13.16 -6.68 -8.44
C ASN A 88 -12.83 -8.01 -7.78
N ASP A 89 -12.51 -8.99 -8.61
CA ASP A 89 -12.33 -10.34 -8.12
C ASP A 89 -10.97 -10.46 -7.46
N GLN A 90 -9.96 -9.84 -8.05
CA GLN A 90 -8.64 -9.75 -7.45
C GLN A 90 -8.74 -9.20 -6.03
N ILE A 91 -9.54 -8.16 -5.87
CA ILE A 91 -9.70 -7.48 -4.60
C ILE A 91 -10.44 -8.37 -3.63
N VAL A 92 -11.54 -8.96 -4.09
CA VAL A 92 -12.30 -9.88 -3.25
C VAL A 92 -11.41 -10.99 -2.67
N LEU A 93 -10.61 -11.62 -3.53
CA LEU A 93 -9.77 -12.73 -3.13
C LEU A 93 -8.69 -12.32 -2.13
N LEU A 94 -8.01 -11.21 -2.39
CA LEU A 94 -6.96 -10.73 -1.49
C LEU A 94 -7.51 -10.23 -0.17
N LYS A 95 -8.65 -9.56 -0.23
CA LYS A 95 -9.28 -9.01 0.96
C LYS A 95 -9.66 -10.16 1.89
N ALA A 96 -10.18 -11.23 1.31
CA ALA A 96 -10.63 -12.38 2.09
C ALA A 96 -9.50 -13.31 2.54
N GLY A 97 -8.40 -13.31 1.80
CA GLY A 97 -7.39 -14.33 1.98
C GLY A 97 -5.98 -13.94 2.40
N ALA A 98 -5.59 -12.67 2.23
CA ALA A 98 -4.21 -12.25 2.45
C ALA A 98 -3.71 -12.52 3.88
N MET A 99 -4.53 -12.19 4.85
CA MET A 99 -4.15 -12.36 6.25
C MET A 99 -4.07 -13.83 6.68
N GLU A 100 -4.91 -14.68 6.09
CA GLU A 100 -4.82 -16.12 6.27
C GLU A 100 -3.50 -16.67 5.70
N VAL A 101 -3.09 -16.18 4.53
CA VAL A 101 -1.77 -16.56 3.97
C VAL A 101 -0.62 -16.12 4.88
N VAL A 102 -0.70 -14.89 5.39
CA VAL A 102 0.34 -14.39 6.31
C VAL A 102 0.45 -15.31 7.53
N LEU A 103 -0.68 -15.71 8.09
CA LEU A 103 -0.67 -16.65 9.22
C LEU A 103 -0.03 -18.00 8.87
N VAL A 104 -0.29 -18.51 7.67
CA VAL A 104 0.37 -19.75 7.25
C VAL A 104 1.86 -19.52 7.07
N ARG A 105 2.21 -18.47 6.34
CA ARG A 105 3.61 -18.13 6.12
C ARG A 105 4.40 -18.00 7.41
N MET A 106 3.75 -17.55 8.47
CA MET A 106 4.43 -17.36 9.76
C MET A 106 5.05 -18.64 10.34
N CYS A 107 4.59 -19.82 9.91
CA CYS A 107 5.09 -21.04 10.51
C CYS A 107 6.56 -21.24 10.19
N ARG A 108 7.03 -20.67 9.09
CA ARG A 108 8.46 -20.74 8.72
C ARG A 108 9.35 -20.04 9.71
N ALA A 109 8.84 -18.97 10.32
CA ALA A 109 9.61 -18.18 11.27
C ALA A 109 9.40 -18.70 12.71
N TYR A 110 8.72 -19.82 12.83
CA TYR A 110 8.41 -20.36 14.15
C TYR A 110 9.32 -21.54 14.48
N ASN A 111 9.93 -21.49 15.66
CA ASN A 111 10.78 -22.58 16.15
C ASN A 111 10.07 -23.42 17.22
N ALA A 112 9.63 -24.62 16.84
CA ALA A 112 8.93 -25.50 17.75
C ALA A 112 9.79 -26.00 18.93
N ASP A 113 11.11 -26.04 18.75
CA ASP A 113 12.00 -26.55 19.78
C ASP A 113 11.93 -25.77 21.09
N ASN A 114 11.69 -24.47 21.00
CA ASN A 114 11.63 -23.62 22.18
C ASN A 114 10.41 -22.70 22.19
N ARG A 115 9.52 -22.89 21.22
CA ARG A 115 8.31 -22.08 21.08
C ARG A 115 8.58 -20.58 20.95
N THR A 116 9.53 -20.23 20.09
CA THR A 116 9.81 -18.83 19.81
C THR A 116 9.49 -18.53 18.36
N VAL A 117 9.42 -17.23 18.05
CA VAL A 117 9.12 -16.76 16.69
C VAL A 117 10.11 -15.66 16.34
N PHE A 118 10.49 -15.57 15.07
CA PHE A 118 11.43 -14.53 14.63
C PHE A 118 10.73 -13.18 14.52
N PHE A 119 11.25 -12.18 15.23
CA PHE A 119 10.60 -10.88 15.32
C PHE A 119 11.60 -9.76 15.57
N GLU A 120 11.70 -8.84 14.63
CA GLU A 120 12.67 -7.74 14.68
C GLU A 120 14.09 -8.18 14.98
N GLY A 121 14.51 -9.25 14.31
CA GLY A 121 15.92 -9.62 14.30
C GLY A 121 16.32 -10.76 15.20
N LYS A 122 15.43 -11.16 16.10
CA LYS A 122 15.77 -12.23 17.02
C LYS A 122 14.55 -13.09 17.29
N TYR A 123 14.74 -14.22 17.95
CA TYR A 123 13.64 -15.11 18.30
C TYR A 123 13.12 -14.84 19.71
N GLY A 124 11.79 -14.69 19.86
CA GLY A 124 11.20 -14.46 21.17
C GLY A 124 9.95 -15.30 21.39
N GLY A 125 9.67 -15.64 22.64
CA GLY A 125 8.50 -16.42 23.00
C GLY A 125 7.27 -15.53 23.02
N MET A 126 6.11 -16.06 23.33
CA MET A 126 4.90 -15.25 23.29
C MET A 126 4.84 -14.14 24.33
N GLU A 127 5.64 -14.27 25.39
CA GLU A 127 5.70 -13.27 26.45
C GLU A 127 6.29 -11.91 25.98
N LEU A 128 6.99 -11.96 24.85
CA LEU A 128 7.49 -10.77 24.18
C LEU A 128 6.33 -9.80 23.87
N PHE A 129 5.14 -10.33 23.62
CA PHE A 129 4.01 -9.54 23.15
C PHE A 129 3.02 -9.17 24.25
N ARG A 130 3.44 -9.39 25.49
CA ARG A 130 2.60 -9.12 26.66
C ARG A 130 1.89 -7.75 26.70
N ALA A 131 2.59 -6.68 26.30
CA ALA A 131 2.01 -5.32 26.34
C ALA A 131 0.71 -5.19 25.56
N LEU A 132 0.52 -6.04 24.54
CA LEU A 132 -0.70 -6.00 23.73
C LEU A 132 -1.94 -6.43 24.49
N GLY A 133 -1.76 -7.21 25.55
CA GLY A 133 -2.89 -7.59 26.38
C GLY A 133 -3.87 -8.50 25.67
N CYS A 134 -3.38 -9.32 24.76
CA CYS A 134 -4.22 -10.36 24.18
C CYS A 134 -3.52 -11.70 24.10
N SER A 135 -3.31 -12.28 25.28
CA SER A 135 -2.66 -13.57 25.47
C SER A 135 -3.30 -14.68 24.67
N GLU A 136 -4.63 -14.72 24.64
CA GLU A 136 -5.35 -15.81 24.00
C GLU A 136 -5.05 -15.88 22.50
N LEU A 137 -5.15 -14.74 21.84
CA LEU A 137 -4.87 -14.64 20.41
C LEU A 137 -3.41 -15.01 20.10
N ILE A 138 -2.47 -14.44 20.85
CA ILE A 138 -1.06 -14.74 20.62
C ILE A 138 -0.83 -16.24 20.82
N SER A 139 -1.38 -16.77 21.91
CA SER A 139 -1.29 -18.20 22.20
C SER A 139 -1.87 -19.05 21.06
N SER A 140 -3.07 -18.68 20.59
CA SER A 140 -3.70 -19.37 19.45
C SER A 140 -2.82 -19.33 18.20
N ILE A 141 -2.23 -18.17 17.93
CA ILE A 141 -1.33 -18.02 16.80
C ILE A 141 -0.11 -18.92 16.97
N PHE A 142 0.49 -18.93 18.17
CA PHE A 142 1.64 -19.83 18.42
C PHE A 142 1.27 -21.33 18.28
N ASP A 143 0.11 -21.73 18.80
CA ASP A 143 -0.34 -23.12 18.70
C ASP A 143 -0.56 -23.50 17.24
N PHE A 144 -1.24 -22.64 16.50
CA PHE A 144 -1.45 -22.87 15.07
C PHE A 144 -0.13 -23.05 14.32
N SER A 145 0.83 -22.14 14.53
CA SER A 145 2.15 -22.31 13.92
C SER A 145 2.83 -23.61 14.37
N HIS A 146 2.63 -23.97 15.63
CA HIS A 146 3.25 -25.19 16.14
C HIS A 146 2.67 -26.40 15.41
N SER A 147 1.38 -26.40 15.16
CA SER A 147 0.76 -27.50 14.44
C SER A 147 1.30 -27.61 13.02
N LEU A 148 1.58 -26.49 12.37
CA LEU A 148 2.12 -26.54 11.01
C LEU A 148 3.60 -26.94 10.98
N SER A 149 4.36 -26.49 11.98
CA SER A 149 5.79 -26.79 11.99
C SER A 149 6.01 -28.28 12.21
N ALA A 150 5.06 -28.92 12.89
CA ALA A 150 5.17 -30.35 13.20
C ALA A 150 5.17 -31.18 11.91
N LEU A 151 4.56 -30.64 10.85
CA LEU A 151 4.49 -31.28 9.54
C LEU A 151 5.76 -31.09 8.70
N HIS A 152 6.63 -30.19 9.11
CA HIS A 152 7.84 -29.85 8.36
C HIS A 152 7.48 -29.39 6.95
N PHE A 153 6.44 -28.58 6.88
CA PHE A 153 5.95 -27.94 5.67
C PHE A 153 7.11 -27.42 4.84
N SER A 154 7.29 -27.97 3.64
CA SER A 154 8.38 -27.56 2.77
C SER A 154 8.06 -26.20 2.12
N GLU A 155 9.06 -25.54 1.56
CA GLU A 155 8.81 -24.26 0.88
C GLU A 155 7.79 -24.40 -0.24
N ASP A 156 7.86 -25.48 -1.00
CA ASP A 156 6.92 -25.65 -2.12
C ASP A 156 5.50 -26.01 -1.67
N GLU A 157 5.38 -26.75 -0.58
CA GLU A 157 4.04 -27.05 -0.01
C GLU A 157 3.37 -25.76 0.47
N ILE A 158 4.13 -24.88 1.13
CA ILE A 158 3.64 -23.56 1.50
C ILE A 158 3.17 -22.80 0.25
N ALA A 159 4.00 -22.81 -0.77
CA ALA A 159 3.70 -22.12 -2.02
C ALA A 159 2.34 -22.58 -2.56
N LEU A 160 2.21 -23.89 -2.71
CA LEU A 160 1.02 -24.47 -3.32
C LEU A 160 -0.19 -24.33 -2.41
N TYR A 161 0.00 -24.57 -1.12
CA TYR A 161 -1.11 -24.44 -0.17
C TYR A 161 -1.62 -23.00 -0.03
N THR A 162 -0.72 -22.03 0.05
CA THR A 162 -1.19 -20.63 0.19
C THR A 162 -1.85 -20.13 -1.08
N ALA A 163 -1.39 -20.60 -2.24
CA ALA A 163 -2.04 -20.27 -3.50
C ALA A 163 -3.51 -20.68 -3.43
N LEU A 164 -3.79 -21.83 -2.80
CA LEU A 164 -5.17 -22.30 -2.70
C LEU A 164 -5.97 -21.61 -1.60
N VAL A 165 -5.30 -21.17 -0.54
CA VAL A 165 -5.94 -20.27 0.43
C VAL A 165 -6.51 -19.03 -0.30
N LEU A 166 -5.73 -18.47 -1.22
CA LEU A 166 -6.13 -17.27 -1.96
C LEU A 166 -7.17 -17.57 -3.03
N ILE A 167 -6.93 -18.61 -3.82
CA ILE A 167 -7.75 -18.88 -5.00
C ILE A 167 -8.88 -19.82 -4.61
N ASN A 168 -9.91 -19.22 -4.04
CA ASN A 168 -11.05 -19.92 -3.45
C ASN A 168 -12.29 -19.33 -4.07
N ALA A 169 -12.98 -20.17 -4.84
CA ALA A 169 -14.12 -19.72 -5.63
C ALA A 169 -15.38 -19.43 -4.81
N HIS A 170 -15.36 -19.77 -3.52
CA HIS A 170 -16.55 -19.58 -2.70
C HIS A 170 -16.55 -18.24 -1.97
N ARG A 171 -15.51 -17.41 -2.20
CA ARG A 171 -15.50 -16.09 -1.58
C ARG A 171 -16.72 -15.33 -2.09
N PRO A 172 -17.58 -14.90 -1.19
CA PRO A 172 -18.75 -14.13 -1.62
C PRO A 172 -18.33 -12.82 -2.29
N GLY A 173 -19.02 -12.44 -3.36
CA GLY A 173 -18.80 -11.14 -3.98
C GLY A 173 -18.08 -11.27 -5.30
N LEU A 174 -17.79 -12.51 -5.70
CA LEU A 174 -17.09 -12.71 -6.96
C LEU A 174 -18.01 -12.47 -8.15
N GLN A 175 -17.46 -11.83 -9.17
CA GLN A 175 -18.24 -11.51 -10.36
C GLN A 175 -17.98 -12.50 -11.48
N GLU A 176 -16.83 -13.16 -11.45
CA GLU A 176 -16.51 -14.18 -12.45
C GLU A 176 -16.13 -15.48 -11.76
N LYS A 177 -17.08 -16.01 -10.99
CA LYS A 177 -16.89 -17.21 -10.18
C LYS A 177 -16.36 -18.41 -10.98
N ARG A 178 -16.77 -18.53 -12.23
CA ARG A 178 -16.35 -19.65 -13.07
C ARG A 178 -14.86 -19.58 -13.34
N LYS A 179 -14.35 -18.37 -13.57
CA LYS A 179 -12.91 -18.21 -13.82
C LYS A 179 -12.10 -18.55 -12.58
N VAL A 180 -12.61 -18.21 -11.41
CA VAL A 180 -11.89 -18.53 -10.18
C VAL A 180 -11.91 -20.04 -9.93
N GLU A 181 -13.04 -20.67 -10.25
CA GLU A 181 -13.21 -22.11 -10.13
C GLU A 181 -12.20 -22.85 -10.97
N GLN A 182 -11.99 -22.38 -12.19
CA GLN A 182 -11.04 -23.04 -13.09
C GLN A 182 -9.63 -22.87 -12.57
N LEU A 183 -9.31 -21.67 -12.10
CA LEU A 183 -7.99 -21.44 -11.53
C LEU A 183 -7.75 -22.33 -10.30
N GLN A 184 -8.74 -22.36 -9.40
CA GLN A 184 -8.70 -23.17 -8.19
C GLN A 184 -8.47 -24.66 -8.51
N TYR A 185 -9.30 -25.20 -9.39
CA TYR A 185 -9.16 -26.59 -9.83
C TYR A 185 -7.76 -26.87 -10.35
N ASN A 186 -7.21 -25.97 -11.16
CA ASN A 186 -5.89 -26.19 -11.74
C ASN A 186 -4.82 -26.19 -10.65
N LEU A 187 -5.00 -25.33 -9.65
CA LEU A 187 -4.07 -25.28 -8.53
C LEU A 187 -4.20 -26.51 -7.60
N GLU A 188 -5.40 -27.04 -7.49
CA GLU A 188 -5.62 -28.30 -6.76
C GLU A 188 -4.89 -29.45 -7.44
N LEU A 189 -5.05 -29.57 -8.76
CA LEU A 189 -4.29 -30.55 -9.55
C LEU A 189 -2.80 -30.44 -9.30
N ALA A 190 -2.31 -29.22 -9.33
CA ALA A 190 -0.90 -28.91 -9.09
C ALA A 190 -0.45 -29.37 -7.70
N PHE A 191 -1.21 -28.99 -6.69
CA PHE A 191 -0.89 -29.38 -5.31
C PHE A 191 -0.88 -30.90 -5.15
N HIS A 192 -1.96 -31.55 -5.56
CA HIS A 192 -2.10 -33.01 -5.38
C HIS A 192 -1.05 -33.80 -6.15
N HIS A 193 -0.85 -33.43 -7.40
CA HIS A 193 0.19 -34.04 -8.20
C HIS A 193 1.57 -33.87 -7.58
N HIS A 194 1.87 -32.67 -7.05
CA HIS A 194 3.18 -32.45 -6.47
C HIS A 194 3.39 -33.20 -5.17
N LEU A 195 2.34 -33.34 -4.35
CA LEU A 195 2.44 -34.22 -3.18
C LEU A 195 2.78 -35.67 -3.61
N CYS A 196 2.20 -36.15 -4.70
CA CYS A 196 2.51 -37.51 -5.19
C CYS A 196 3.96 -37.63 -5.58
N LYS A 197 4.44 -36.64 -6.34
CA LYS A 197 5.81 -36.61 -6.85
C LYS A 197 6.84 -36.52 -5.74
N THR A 198 6.43 -35.98 -4.60
CA THR A 198 7.35 -35.82 -3.49
C THR A 198 7.09 -36.81 -2.34
N HIS A 199 6.17 -37.75 -2.55
CA HIS A 199 5.79 -38.75 -1.54
C HIS A 199 5.29 -38.10 -0.25
N ARG A 200 4.51 -37.05 -0.41
CA ARG A 200 4.04 -36.29 0.74
C ARG A 200 2.53 -36.28 0.82
N GLN A 201 1.91 -37.31 0.25
CA GLN A 201 0.45 -37.48 0.30
C GLN A 201 -0.08 -37.39 1.72
N SER A 202 0.76 -37.79 2.68
CA SER A 202 0.33 -37.93 4.08
C SER A 202 -0.04 -36.60 4.74
N ILE A 203 0.41 -35.50 4.17
CA ILE A 203 0.14 -34.22 4.83
C ILE A 203 -1.29 -33.72 4.65
N LEU A 204 -1.96 -34.13 3.57
CA LEU A 204 -3.30 -33.60 3.26
C LEU A 204 -4.26 -33.75 4.43
N ALA A 205 -4.31 -34.95 5.00
CA ALA A 205 -5.23 -35.22 6.11
C ALA A 205 -4.77 -34.59 7.42
N LYS A 206 -3.49 -34.23 7.50
CA LYS A 206 -2.96 -33.56 8.68
C LYS A 206 -3.06 -32.02 8.62
N LEU A 207 -3.40 -31.46 7.48
CA LEU A 207 -3.50 -30.00 7.34
C LEU A 207 -4.61 -29.41 8.21
N PRO A 208 -4.46 -28.13 8.60
CA PRO A 208 -5.52 -27.57 9.42
C PRO A 208 -6.79 -27.39 8.60
N PRO A 209 -7.94 -27.73 9.19
CA PRO A 209 -9.23 -27.52 8.53
C PRO A 209 -9.40 -26.06 8.11
N LYS A 210 -9.90 -25.85 6.89
CA LYS A 210 -10.16 -24.52 6.33
C LYS A 210 -10.83 -23.58 7.34
N GLY A 211 -11.80 -24.13 8.09
CA GLY A 211 -12.51 -23.38 9.11
C GLY A 211 -11.60 -22.84 10.20
N LYS A 212 -10.57 -23.60 10.56
CA LYS A 212 -9.68 -23.19 11.64
C LYS A 212 -8.85 -21.97 11.27
N LEU A 213 -8.39 -21.93 10.02
CA LEU A 213 -7.64 -20.78 9.53
C LEU A 213 -8.55 -19.55 9.46
N ARG A 214 -9.81 -19.81 9.14
CA ARG A 214 -10.86 -18.80 9.07
C ARG A 214 -11.16 -18.19 10.43
N SER A 215 -11.43 -19.06 11.41
CA SER A 215 -11.77 -18.57 12.74
C SER A 215 -10.59 -17.85 13.36
N LEU A 216 -9.38 -18.37 13.15
CA LEU A 216 -8.18 -17.71 13.66
C LEU A 216 -7.94 -16.34 13.02
N CYS A 217 -8.08 -16.25 11.71
CA CYS A 217 -7.86 -14.98 11.03
C CYS A 217 -8.94 -13.96 11.41
N SER A 218 -10.15 -14.46 11.67
CA SER A 218 -11.24 -13.62 12.10
C SER A 218 -10.96 -13.01 13.48
N GLN A 219 -10.47 -13.83 14.41
CA GLN A 219 -10.08 -13.35 15.73
C GLN A 219 -8.93 -12.35 15.63
N HIS A 220 -7.94 -12.72 14.82
CA HIS A 220 -6.81 -11.86 14.49
C HIS A 220 -7.27 -10.48 13.96
N VAL A 221 -8.07 -10.48 12.90
CA VAL A 221 -8.54 -9.24 12.26
C VAL A 221 -9.26 -8.31 13.24
N GLU A 222 -10.03 -8.89 14.16
CA GLU A 222 -10.74 -8.13 15.19
C GLU A 222 -9.82 -7.23 16.02
N ARG A 223 -8.67 -7.78 16.43
CA ARG A 223 -7.67 -7.03 17.19
C ARG A 223 -7.08 -5.91 16.34
N LEU A 224 -6.70 -6.26 15.12
CA LEU A 224 -6.12 -5.33 14.16
C LEU A 224 -6.99 -4.08 13.96
N GLN A 225 -8.29 -4.30 13.82
CA GLN A 225 -9.23 -3.22 13.57
C GLN A 225 -9.28 -2.27 14.76
N ILE A 226 -9.31 -2.86 15.95
CA ILE A 226 -9.39 -2.09 17.20
C ILE A 226 -8.16 -1.21 17.38
N PHE A 227 -6.99 -1.77 17.06
CA PHE A 227 -5.74 -1.02 17.13
C PHE A 227 -5.62 0.05 16.03
N GLN A 228 -5.90 -0.32 14.79
CA GLN A 228 -5.68 0.56 13.64
C GLN A 228 -6.68 1.72 13.58
N HIS A 229 -7.80 1.55 14.28
CA HIS A 229 -8.81 2.61 14.34
C HIS A 229 -8.29 3.84 15.07
N LEU A 230 -7.61 3.60 16.20
CA LEU A 230 -7.12 4.69 17.03
C LEU A 230 -5.66 5.05 16.72
N HIS A 231 -4.96 4.20 15.97
CA HIS A 231 -3.54 4.42 15.69
C HIS A 231 -3.15 3.92 14.30
N PRO A 232 -3.60 4.62 13.24
CA PRO A 232 -3.20 4.22 11.89
C PRO A 232 -1.73 4.56 11.63
N ILE A 233 -1.04 3.75 10.85
CA ILE A 233 0.34 4.07 10.48
C ILE A 233 0.68 3.85 9.00
N VAL A 234 0.96 4.97 8.34
CA VAL A 234 1.36 5.06 6.94
C VAL A 234 2.77 4.54 6.76
N VAL A 235 2.94 3.36 6.16
CA VAL A 235 4.30 2.80 6.02
C VAL A 235 4.66 2.25 4.63
N GLN A 236 5.90 2.56 4.21
CA GLN A 236 6.42 2.33 2.85
C GLN A 236 6.08 1.01 2.17
N ALA A 237 5.93 1.09 0.85
CA ALA A 237 5.55 -0.05 0.03
C ALA A 237 6.78 -0.80 -0.48
N ALA A 238 6.78 -2.11 -0.29
CA ALA A 238 7.90 -2.93 -0.73
C ALA A 238 8.09 -2.81 -2.23
N PHE A 239 7.17 -3.38 -2.99
CA PHE A 239 7.23 -3.38 -4.44
C PHE A 239 6.49 -2.19 -5.02
N ALA B 6 -25.19 23.36 5.53
CA ALA B 6 -26.19 23.77 6.50
C ALA B 6 -26.11 25.26 6.81
N SER B 7 -24.94 25.68 7.29
CA SER B 7 -24.71 27.08 7.58
C SER B 7 -23.27 27.38 7.23
N LEU B 8 -22.95 28.67 7.19
CA LEU B 8 -21.60 29.10 6.90
C LEU B 8 -20.61 28.66 7.98
N THR B 9 -21.12 28.37 9.18
CA THR B 9 -20.29 27.99 10.31
C THR B 9 -19.76 26.56 10.17
N GLU B 10 -20.54 25.71 9.51
CA GLU B 10 -20.14 24.35 9.27
C GLU B 10 -19.22 24.27 8.06
N ILE B 11 -19.38 25.18 7.10
CA ILE B 11 -18.46 25.25 5.98
C ILE B 11 -17.06 25.66 6.47
N GLU B 12 -17.02 26.51 7.48
CA GLU B 12 -15.77 26.92 8.08
C GLU B 12 -15.08 25.81 8.86
N HIS B 13 -15.87 24.92 9.48
CA HIS B 13 -15.32 23.73 10.13
C HIS B 13 -14.74 22.80 9.07
N LEU B 14 -15.46 22.64 7.97
CA LEU B 14 -14.97 21.88 6.83
C LEU B 14 -13.63 22.43 6.31
N VAL B 15 -13.53 23.76 6.17
CA VAL B 15 -12.28 24.39 5.74
C VAL B 15 -11.13 23.99 6.68
N GLN B 16 -11.33 24.23 7.98
CA GLN B 16 -10.32 23.95 8.99
C GLN B 16 -9.89 22.48 8.99
N SER B 17 -10.87 21.61 8.82
CA SER B 17 -10.67 20.18 8.78
C SER B 17 -9.87 19.71 7.56
N VAL B 18 -10.22 20.23 6.39
CA VAL B 18 -9.49 19.92 5.17
C VAL B 18 -8.05 20.42 5.29
N CYS B 19 -7.88 21.63 5.82
CA CYS B 19 -6.55 22.19 6.05
C CYS B 19 -5.69 21.40 7.07
N LYS B 20 -6.31 20.88 8.11
CA LYS B 20 -5.59 20.10 9.10
C LYS B 20 -5.18 18.72 8.52
N SER B 21 -6.08 18.10 7.78
CA SER B 21 -5.78 16.85 7.10
C SER B 21 -4.60 16.97 6.16
N TYR B 22 -4.58 18.07 5.40
CA TYR B 22 -3.45 18.35 4.55
C TYR B 22 -2.15 18.53 5.33
N ARG B 23 -2.20 19.32 6.39
CA ARG B 23 -1.02 19.56 7.21
C ARG B 23 -0.45 18.27 7.81
N GLU B 24 -1.33 17.35 8.20
CA GLU B 24 -0.89 16.07 8.74
C GLU B 24 -0.45 15.07 7.66
N THR B 25 -0.67 15.38 6.38
CA THR B 25 -0.35 14.41 5.33
C THR B 25 0.41 15.02 4.19
N CYS B 26 1.00 16.18 4.44
CA CYS B 26 1.66 16.95 3.38
C CYS B 26 3.02 16.36 3.02
N GLN B 27 3.40 15.32 3.75
CA GLN B 27 4.64 14.55 3.52
C GLN B 27 5.92 15.31 3.88
N LEU B 28 6.25 16.34 3.13
CA LEU B 28 7.35 17.23 3.49
C LEU B 28 6.82 18.60 3.92
N ARG B 29 7.41 19.16 4.96
CA ARG B 29 7.01 20.48 5.43
C ARG B 29 7.50 21.60 4.54
N LEU B 30 6.60 22.55 4.26
CA LEU B 30 6.94 23.69 3.41
C LEU B 30 8.17 24.43 3.93
N GLU B 31 8.25 24.59 5.25
CA GLU B 31 9.39 25.26 5.87
C GLU B 31 10.68 24.50 5.56
N ASP B 32 10.65 23.19 5.78
CA ASP B 32 11.79 22.34 5.43
C ASP B 32 12.17 22.43 3.96
N LEU B 33 11.19 22.53 3.07
CA LEU B 33 11.48 22.64 1.63
C LEU B 33 12.11 23.99 1.28
N LEU B 34 11.58 25.07 1.86
CA LEU B 34 12.07 26.42 1.54
C LEU B 34 13.48 26.65 2.08
N ARG B 35 13.74 26.12 3.27
CA ARG B 35 15.04 26.21 3.90
C ARG B 35 16.10 25.46 3.09
N GLN B 36 15.76 24.28 2.60
CA GLN B 36 16.73 23.46 1.87
C GLN B 36 16.99 23.96 0.45
N ARG B 37 16.49 25.14 0.10
CA ARG B 37 16.60 25.60 -1.28
C ARG B 37 18.02 25.85 -1.76
N SER B 38 18.94 26.10 -0.83
CA SER B 38 20.30 26.43 -1.19
C SER B 38 21.13 25.16 -1.32
N ASN B 39 20.61 24.08 -0.76
CA ASN B 39 21.23 22.76 -0.84
C ASN B 39 20.97 22.10 -2.21
N ILE B 40 21.85 22.38 -3.17
CA ILE B 40 21.70 22.00 -4.57
C ILE B 40 22.69 20.87 -4.93
N PHE B 41 22.29 19.98 -5.82
CA PHE B 41 23.20 18.90 -6.25
C PHE B 41 24.42 19.48 -6.95
N SER B 42 25.59 18.95 -6.61
CA SER B 42 26.83 19.36 -7.29
C SER B 42 26.83 18.84 -8.74
N ARG B 43 27.73 19.39 -9.56
CA ARG B 43 27.86 18.92 -10.94
C ARG B 43 28.24 17.45 -11.00
N GLU B 44 28.94 16.99 -9.98
CA GLU B 44 29.36 15.59 -9.90
C GLU B 44 28.22 14.70 -9.46
N GLU B 45 27.37 15.22 -8.57
CA GLU B 45 26.23 14.44 -8.11
C GLU B 45 25.24 14.27 -9.26
N VAL B 46 25.08 15.32 -10.06
CA VAL B 46 24.17 15.32 -11.19
C VAL B 46 24.64 14.27 -12.20
N THR B 47 25.93 14.33 -12.56
CA THR B 47 26.54 13.34 -13.44
C THR B 47 26.33 11.93 -12.91
N GLY B 48 26.42 11.78 -11.59
CA GLY B 48 26.13 10.49 -10.97
C GLY B 48 24.74 9.97 -11.27
N TYR B 49 23.74 10.85 -11.15
CA TYR B 49 22.37 10.50 -11.52
C TYR B 49 22.21 10.21 -13.01
N GLN B 50 22.87 11.04 -13.82
CA GLN B 50 22.76 10.92 -15.28
C GLN B 50 23.35 9.60 -15.79
N ARG B 51 24.26 9.01 -15.03
CA ARG B 51 24.94 7.78 -15.49
C ARG B 51 24.15 6.55 -15.13
N LYS B 52 23.23 6.70 -14.19
CA LYS B 52 22.42 5.56 -13.77
C LYS B 52 21.60 5.08 -14.94
N SER B 53 21.28 3.79 -14.92
CA SER B 53 20.42 3.19 -15.90
C SER B 53 19.02 3.79 -15.78
N MET B 54 18.29 3.87 -16.90
CA MET B 54 16.88 4.24 -16.87
C MET B 54 16.12 3.37 -15.85
N TRP B 55 16.51 2.10 -15.76
CA TRP B 55 15.85 1.15 -14.85
C TRP B 55 16.02 1.50 -13.39
N GLU B 56 17.19 2.01 -13.02
CA GLU B 56 17.42 2.46 -11.67
C GLU B 56 16.65 3.77 -11.38
N MET B 57 16.64 4.69 -12.34
CA MET B 57 15.89 5.94 -12.16
C MET B 57 14.39 5.67 -12.10
N TRP B 58 13.89 4.76 -12.94
CA TRP B 58 12.47 4.36 -12.91
C TRP B 58 12.11 3.88 -11.51
N GLU B 59 13.01 3.16 -10.86
CA GLU B 59 12.61 2.54 -9.62
C GLU B 59 12.71 3.51 -8.43
N ARG B 60 13.71 4.38 -8.45
CA ARG B 60 13.76 5.47 -7.50
C ARG B 60 12.53 6.37 -7.61
N CYS B 61 12.18 6.75 -8.84
CA CYS B 61 11.01 7.58 -9.08
C CYS B 61 9.72 6.86 -8.72
N ALA B 62 9.65 5.58 -9.06
CA ALA B 62 8.50 4.74 -8.70
C ALA B 62 8.34 4.68 -7.18
N HIS B 63 9.47 4.60 -6.48
CA HIS B 63 9.43 4.66 -5.03
C HIS B 63 8.85 5.99 -4.52
N HIS B 64 9.47 7.11 -4.91
CA HIS B 64 9.01 8.43 -4.50
C HIS B 64 7.55 8.70 -4.88
N LEU B 65 7.18 8.31 -6.08
CA LEU B 65 5.80 8.43 -6.51
C LEU B 65 4.81 7.60 -5.67
N THR B 66 5.21 6.39 -5.30
CA THR B 66 4.34 5.51 -4.52
C THR B 66 4.15 6.07 -3.12
N GLU B 67 5.24 6.52 -2.52
CA GLU B 67 5.15 7.18 -1.24
C GLU B 67 4.24 8.42 -1.32
N ALA B 68 4.41 9.25 -2.34
CA ALA B 68 3.55 10.45 -2.52
C ALA B 68 2.08 10.10 -2.64
N ILE B 69 1.78 9.04 -3.39
CA ILE B 69 0.40 8.59 -3.57
C ILE B 69 -0.21 8.11 -2.24
N GLN B 70 0.61 7.42 -1.45
CA GLN B 70 0.17 6.95 -0.15
C GLN B 70 -0.28 8.11 0.77
N TYR B 71 0.46 9.21 0.74
CA TYR B 71 0.09 10.40 1.53
C TYR B 71 -1.19 11.07 1.01
N VAL B 72 -1.41 11.02 -0.30
CA VAL B 72 -2.62 11.54 -0.90
C VAL B 72 -3.82 10.70 -0.47
N VAL B 73 -3.65 9.39 -0.47
CA VAL B 73 -4.68 8.49 0.01
C VAL B 73 -4.99 8.77 1.49
N GLU B 74 -3.94 8.96 2.29
CA GLU B 74 -4.10 9.33 3.70
C GLU B 74 -4.85 10.67 3.85
N PHE B 75 -4.54 11.62 2.98
CA PHE B 75 -5.25 12.90 2.97
C PHE B 75 -6.73 12.64 2.71
N ALA B 76 -7.01 11.79 1.74
CA ALA B 76 -8.39 11.54 1.35
C ALA B 76 -9.16 10.90 2.49
N LYS B 77 -8.52 9.94 3.17
CA LYS B 77 -9.17 9.18 4.23
C LYS B 77 -9.53 10.08 5.42
N ARG B 78 -8.81 11.18 5.58
CA ARG B 78 -9.06 12.13 6.67
C ARG B 78 -10.03 13.22 6.24
N LEU B 79 -10.50 13.13 5.00
CA LEU B 79 -11.38 14.15 4.45
C LEU B 79 -12.80 13.86 4.86
N SER B 80 -13.47 14.92 5.32
CA SER B 80 -14.82 14.81 5.85
C SER B 80 -15.79 14.22 4.84
N GLY B 81 -16.33 13.06 5.16
CA GLY B 81 -17.28 12.42 4.29
C GLY B 81 -16.71 11.46 3.26
N PHE B 82 -15.40 11.49 3.01
CA PHE B 82 -14.83 10.56 2.04
C PHE B 82 -14.98 9.10 2.52
N MET B 83 -14.77 8.87 3.81
CA MET B 83 -14.93 7.53 4.38
C MET B 83 -16.39 7.07 4.40
N GLU B 84 -17.32 8.02 4.35
CA GLU B 84 -18.74 7.68 4.33
C GLU B 84 -19.18 7.21 2.95
N LEU B 85 -18.39 7.51 1.92
CA LEU B 85 -18.65 7.02 0.57
C LEU B 85 -18.46 5.52 0.54
N CYS B 86 -19.16 4.84 -0.37
CA CYS B 86 -18.98 3.40 -0.50
C CYS B 86 -17.58 3.09 -1.00
N GLN B 87 -17.14 1.86 -0.80
CA GLN B 87 -15.79 1.44 -1.15
C GLN B 87 -15.46 1.65 -2.61
N ASN B 88 -16.38 1.28 -3.48
CA ASN B 88 -16.16 1.46 -4.91
C ASN B 88 -15.87 2.92 -5.28
N ASP B 89 -16.56 3.85 -4.64
CA ASP B 89 -16.46 5.25 -5.06
C ASP B 89 -15.17 5.84 -4.54
N GLN B 90 -14.75 5.39 -3.37
CA GLN B 90 -13.46 5.76 -2.83
C GLN B 90 -12.34 5.36 -3.79
N ILE B 91 -12.42 4.13 -4.30
CA ILE B 91 -11.37 3.63 -5.18
C ILE B 91 -11.40 4.39 -6.48
N VAL B 92 -12.60 4.59 -7.02
CA VAL B 92 -12.77 5.35 -8.25
C VAL B 92 -12.20 6.77 -8.14
N LEU B 93 -12.50 7.48 -7.04
CA LEU B 93 -12.01 8.86 -6.90
C LEU B 93 -10.49 8.92 -6.87
N LEU B 94 -9.88 8.06 -6.04
CA LEU B 94 -8.44 8.07 -5.85
C LEU B 94 -7.65 7.59 -7.06
N LYS B 95 -8.17 6.58 -7.73
CA LYS B 95 -7.50 6.04 -8.89
C LYS B 95 -7.48 7.09 -10.00
N ALA B 96 -8.58 7.82 -10.12
CA ALA B 96 -8.69 8.89 -11.10
C ALA B 96 -7.97 10.17 -10.67
N GLY B 97 -7.82 10.39 -9.37
CA GLY B 97 -7.33 11.68 -8.91
C GLY B 97 -5.98 11.79 -8.22
N ALA B 98 -5.49 10.68 -7.65
CA ALA B 98 -4.34 10.77 -6.74
C ALA B 98 -3.09 11.32 -7.44
N MET B 99 -2.94 10.99 -8.72
CA MET B 99 -1.74 11.30 -9.47
C MET B 99 -1.76 12.78 -9.82
N GLU B 100 -2.97 13.26 -10.07
CA GLU B 100 -3.19 14.67 -10.30
C GLU B 100 -2.88 15.48 -9.04
N VAL B 101 -3.26 14.96 -7.87
CA VAL B 101 -2.94 15.62 -6.60
C VAL B 101 -1.43 15.66 -6.36
N VAL B 102 -0.75 14.56 -6.68
CA VAL B 102 0.69 14.52 -6.56
C VAL B 102 1.36 15.61 -7.41
N LEU B 103 0.92 15.75 -8.67
CA LEU B 103 1.46 16.78 -9.54
C LEU B 103 1.27 18.21 -8.95
N VAL B 104 0.10 18.49 -8.39
CA VAL B 104 -0.14 19.79 -7.78
C VAL B 104 0.72 19.96 -6.55
N ARG B 105 0.76 18.93 -5.70
CA ARG B 105 1.58 18.96 -4.49
C ARG B 105 3.03 19.29 -4.78
N MET B 106 3.50 18.84 -5.94
CA MET B 106 4.90 19.02 -6.32
C MET B 106 5.37 20.47 -6.39
N CYS B 107 4.46 21.41 -6.67
CA CYS B 107 4.89 22.81 -6.85
C CYS B 107 5.53 23.36 -5.59
N ARG B 108 5.13 22.83 -4.44
CA ARG B 108 5.78 23.16 -3.18
C ARG B 108 7.27 22.85 -3.18
N ALA B 109 7.68 21.80 -3.89
CA ALA B 109 9.06 21.32 -3.82
C ALA B 109 9.84 21.88 -5.00
N TYR B 110 9.24 22.83 -5.69
CA TYR B 110 9.82 23.40 -6.87
C TYR B 110 10.31 24.83 -6.60
N ASN B 111 11.51 25.17 -7.07
CA ASN B 111 12.06 26.50 -6.91
C ASN B 111 12.13 27.21 -8.25
N ALA B 112 11.25 28.19 -8.45
CA ALA B 112 11.20 28.88 -9.74
C ALA B 112 12.40 29.80 -9.99
N ASP B 113 13.15 30.12 -8.93
CA ASP B 113 14.34 30.97 -9.07
C ASP B 113 15.43 30.32 -9.93
N ASN B 114 15.71 29.04 -9.69
CA ASN B 114 16.72 28.30 -10.45
C ASN B 114 16.15 27.10 -11.21
N ARG B 115 14.81 26.99 -11.22
CA ARG B 115 14.10 25.91 -11.91
C ARG B 115 14.59 24.54 -11.47
N THR B 116 14.57 24.31 -10.16
CA THR B 116 14.97 23.02 -9.62
C THR B 116 13.87 22.43 -8.75
N VAL B 117 13.99 21.15 -8.47
CA VAL B 117 12.99 20.45 -7.68
C VAL B 117 13.72 19.65 -6.59
N PHE B 118 13.06 19.50 -5.45
CA PHE B 118 13.62 18.75 -4.34
C PHE B 118 13.47 17.27 -4.66
N PHE B 119 14.60 16.57 -4.74
CA PHE B 119 14.62 15.16 -5.09
C PHE B 119 15.73 14.44 -4.32
N GLU B 120 15.36 13.44 -3.54
CA GLU B 120 16.33 12.69 -2.73
C GLU B 120 17.27 13.58 -1.94
N GLY B 121 16.73 14.62 -1.29
CA GLY B 121 17.47 15.39 -0.30
C GLY B 121 18.07 16.68 -0.78
N LYS B 122 18.08 16.91 -2.09
CA LYS B 122 18.65 18.14 -2.60
C LYS B 122 17.85 18.67 -3.78
N TYR B 123 18.18 19.88 -4.22
CA TYR B 123 17.54 20.47 -5.41
C TYR B 123 18.35 20.21 -6.70
N GLY B 124 17.65 19.77 -7.74
CA GLY B 124 18.30 19.60 -9.03
C GLY B 124 17.42 20.04 -10.18
N GLY B 125 18.04 20.47 -11.26
CA GLY B 125 17.32 20.83 -12.46
C GLY B 125 16.84 19.60 -13.20
N MET B 126 16.15 19.81 -14.32
CA MET B 126 15.55 18.67 -15.01
C MET B 126 16.56 17.75 -15.68
N GLU B 127 17.82 18.18 -15.78
CA GLU B 127 18.84 17.37 -16.45
C GLU B 127 19.28 16.24 -15.52
N LEU B 128 18.89 16.34 -14.26
CA LEU B 128 19.08 15.23 -13.34
C LEU B 128 18.39 13.94 -13.81
N PHE B 129 17.26 14.08 -14.52
CA PHE B 129 16.42 12.93 -14.86
C PHE B 129 16.69 12.42 -16.27
N ARG B 130 17.81 12.85 -16.84
CA ARG B 130 18.14 12.58 -18.23
C ARG B 130 18.10 11.10 -18.64
N ALA B 131 18.59 10.22 -17.76
CA ALA B 131 18.62 8.79 -18.05
C ALA B 131 17.25 8.17 -18.30
N LEU B 132 16.19 8.79 -17.80
CA LEU B 132 14.84 8.27 -18.03
C LEU B 132 14.41 8.34 -19.49
N GLY B 133 15.04 9.23 -20.27
CA GLY B 133 14.67 9.42 -21.66
C GLY B 133 13.23 9.89 -21.82
N CYS B 134 12.77 10.72 -20.89
CA CYS B 134 11.41 11.26 -20.87
C CYS B 134 11.49 12.76 -20.81
N SER B 135 12.31 13.34 -21.67
CA SER B 135 12.58 14.78 -21.69
C SER B 135 11.34 15.65 -21.80
N GLU B 136 10.37 15.23 -22.61
CA GLU B 136 9.24 16.10 -22.85
C GLU B 136 8.25 16.00 -21.70
N LEU B 137 8.11 14.81 -21.14
CA LEU B 137 7.35 14.64 -19.90
C LEU B 137 7.96 15.46 -18.75
N ILE B 138 9.25 15.31 -18.51
CA ILE B 138 9.88 16.04 -17.40
C ILE B 138 9.73 17.53 -17.62
N SER B 139 9.97 17.96 -18.85
CA SER B 139 9.85 19.37 -19.19
C SER B 139 8.44 19.91 -18.94
N SER B 140 7.43 19.12 -19.30
CA SER B 140 6.04 19.54 -19.07
C SER B 140 5.72 19.65 -17.59
N ILE B 141 6.28 18.74 -16.81
CA ILE B 141 6.06 18.77 -15.37
C ILE B 141 6.71 19.99 -14.71
N PHE B 142 7.95 20.28 -15.10
CA PHE B 142 8.63 21.48 -14.63
C PHE B 142 7.88 22.76 -15.05
N ASP B 143 7.32 22.77 -16.26
CA ASP B 143 6.57 23.93 -16.75
C ASP B 143 5.31 24.15 -15.91
N PHE B 144 4.61 23.06 -15.63
CA PHE B 144 3.37 23.12 -14.85
C PHE B 144 3.62 23.65 -13.43
N SER B 145 4.67 23.13 -12.79
CA SER B 145 5.05 23.57 -11.45
C SER B 145 5.45 25.03 -11.48
N HIS B 146 6.11 25.43 -12.55
CA HIS B 146 6.55 26.80 -12.71
C HIS B 146 5.33 27.70 -12.75
N SER B 147 4.33 27.32 -13.54
CA SER B 147 3.10 28.14 -13.61
C SER B 147 2.37 28.22 -12.26
N LEU B 148 2.23 27.08 -11.55
CA LEU B 148 1.62 27.06 -10.22
C LEU B 148 2.42 27.86 -9.20
N SER B 149 3.73 27.84 -9.35
CA SER B 149 4.63 28.57 -8.45
C SER B 149 4.37 30.06 -8.49
N ALA B 150 3.97 30.56 -9.65
CA ALA B 150 3.71 31.97 -9.84
C ALA B 150 2.56 32.47 -8.96
N LEU B 151 1.69 31.55 -8.59
CA LEU B 151 0.52 31.85 -7.78
C LEU B 151 0.83 32.02 -6.28
N HIS B 152 2.02 31.59 -5.86
CA HIS B 152 2.37 31.49 -4.45
C HIS B 152 1.26 30.88 -3.59
N PHE B 153 0.72 29.77 -4.08
CA PHE B 153 -0.24 28.96 -3.34
C PHE B 153 0.13 28.84 -1.89
N SER B 154 -0.79 29.18 -1.00
CA SER B 154 -0.58 28.93 0.42
C SER B 154 -0.85 27.45 0.68
N GLU B 155 -0.37 26.96 1.81
CA GLU B 155 -0.68 25.58 2.23
C GLU B 155 -2.18 25.28 2.18
N ASP B 156 -2.99 26.22 2.68
CA ASP B 156 -4.42 26.00 2.78
C ASP B 156 -5.10 26.01 1.41
N GLU B 157 -4.62 26.86 0.51
CA GLU B 157 -5.10 26.85 -0.87
C GLU B 157 -4.86 25.51 -1.58
N ILE B 158 -3.69 24.92 -1.36
CA ILE B 158 -3.39 23.60 -1.92
C ILE B 158 -4.29 22.53 -1.33
N ALA B 159 -4.49 22.63 -0.01
CA ALA B 159 -5.35 21.70 0.71
C ALA B 159 -6.74 21.68 0.09
N LEU B 160 -7.31 22.87 -0.08
CA LEU B 160 -8.70 22.98 -0.55
C LEU B 160 -8.77 22.62 -2.02
N TYR B 161 -7.80 23.09 -2.79
CA TYR B 161 -7.77 22.83 -4.21
C TYR B 161 -7.57 21.34 -4.51
N THR B 162 -6.63 20.69 -3.84
CA THR B 162 -6.44 19.26 -4.07
C THR B 162 -7.62 18.44 -3.54
N ALA B 163 -8.31 18.94 -2.52
CA ALA B 163 -9.54 18.23 -2.09
C ALA B 163 -10.55 18.18 -3.25
N LEU B 164 -10.64 19.27 -4.02
CA LEU B 164 -11.57 19.33 -5.15
C LEU B 164 -11.07 18.57 -6.39
N VAL B 165 -9.77 18.41 -6.54
CA VAL B 165 -9.23 17.48 -7.55
C VAL B 165 -9.74 16.04 -7.30
N LEU B 166 -9.64 15.58 -6.05
CA LEU B 166 -10.17 14.27 -5.66
C LEU B 166 -11.67 14.16 -5.74
N ILE B 167 -12.39 15.08 -5.08
CA ILE B 167 -13.84 14.92 -4.93
C ILE B 167 -14.57 15.50 -6.13
N ASN B 168 -14.67 14.70 -7.18
CA ASN B 168 -15.21 15.10 -8.46
C ASN B 168 -16.26 14.08 -8.91
N ALA B 169 -17.52 14.48 -8.94
CA ALA B 169 -18.63 13.57 -9.23
C ALA B 169 -18.79 13.23 -10.71
N HIS B 170 -17.90 13.73 -11.54
CA HIS B 170 -17.94 13.46 -12.97
C HIS B 170 -17.10 12.25 -13.32
N ARG B 171 -16.38 11.71 -12.33
CA ARG B 171 -15.58 10.51 -12.54
C ARG B 171 -16.47 9.35 -12.97
N PRO B 172 -16.24 8.81 -14.16
CA PRO B 172 -16.98 7.62 -14.60
C PRO B 172 -16.78 6.44 -13.64
N GLY B 173 -17.87 5.78 -13.27
CA GLY B 173 -17.79 4.56 -12.48
C GLY B 173 -18.41 4.69 -11.12
N LEU B 174 -18.82 5.90 -10.74
CA LEU B 174 -19.36 6.11 -9.41
C LEU B 174 -20.71 5.42 -9.27
N GLN B 175 -20.99 4.89 -8.08
CA GLN B 175 -22.24 4.21 -7.82
C GLN B 175 -23.18 5.08 -6.99
N GLU B 176 -22.60 5.95 -6.18
CA GLU B 176 -23.37 6.92 -5.41
C GLU B 176 -22.96 8.33 -5.82
N LYS B 177 -23.33 8.70 -7.04
CA LYS B 177 -22.92 9.98 -7.61
C LYS B 177 -23.47 11.17 -6.81
N ARG B 178 -24.74 11.09 -6.43
CA ARG B 178 -25.39 12.14 -5.65
C ARG B 178 -24.64 12.40 -4.36
N LYS B 179 -24.09 11.35 -3.78
CA LYS B 179 -23.33 11.53 -2.55
C LYS B 179 -22.02 12.27 -2.81
N VAL B 180 -21.34 11.93 -3.89
CA VAL B 180 -20.10 12.60 -4.25
C VAL B 180 -20.37 14.07 -4.56
N GLU B 181 -21.45 14.33 -5.29
CA GLU B 181 -21.88 15.70 -5.62
C GLU B 181 -22.03 16.58 -4.39
N GLN B 182 -22.72 16.07 -3.38
CA GLN B 182 -22.97 16.86 -2.19
C GLN B 182 -21.67 17.23 -1.52
N LEU B 183 -20.75 16.27 -1.46
CA LEU B 183 -19.45 16.55 -0.89
C LEU B 183 -18.69 17.58 -1.75
N GLN B 184 -18.72 17.42 -3.06
CA GLN B 184 -18.06 18.33 -3.96
C GLN B 184 -18.59 19.77 -3.80
N TYR B 185 -19.90 19.92 -3.71
CA TYR B 185 -20.51 21.26 -3.62
C TYR B 185 -20.14 21.97 -2.33
N ASN B 186 -20.08 21.21 -1.24
CA ASN B 186 -19.65 21.78 0.03
C ASN B 186 -18.20 22.19 0.02
N LEU B 187 -17.36 21.40 -0.65
CA LEU B 187 -15.95 21.72 -0.75
C LEU B 187 -15.74 22.91 -1.68
N GLU B 188 -16.56 23.00 -2.72
CA GLU B 188 -16.46 24.12 -3.66
C GLU B 188 -16.76 25.41 -2.91
N LEU B 189 -17.84 25.40 -2.15
CA LEU B 189 -18.23 26.57 -1.38
C LEU B 189 -17.20 26.91 -0.32
N ALA B 190 -16.62 25.88 0.30
CA ALA B 190 -15.60 26.09 1.31
C ALA B 190 -14.39 26.80 0.72
N PHE B 191 -14.02 26.38 -0.49
CA PHE B 191 -12.87 26.95 -1.17
C PHE B 191 -13.13 28.44 -1.48
N HIS B 192 -14.28 28.71 -2.09
CA HIS B 192 -14.66 30.07 -2.44
C HIS B 192 -14.74 30.98 -1.23
N HIS B 193 -15.41 30.50 -0.20
CA HIS B 193 -15.54 31.23 1.04
C HIS B 193 -14.16 31.54 1.63
N HIS B 194 -13.27 30.56 1.63
CA HIS B 194 -11.98 30.78 2.23
C HIS B 194 -11.13 31.77 1.44
N LEU B 195 -11.26 31.74 0.12
CA LEU B 195 -10.57 32.72 -0.71
C LEU B 195 -11.07 34.14 -0.45
N CYS B 196 -12.37 34.28 -0.19
CA CYS B 196 -12.94 35.57 0.19
C CYS B 196 -12.41 36.06 1.54
N LYS B 197 -12.34 35.17 2.53
CA LYS B 197 -11.85 35.53 3.86
C LYS B 197 -10.36 35.93 3.88
N THR B 198 -9.60 35.46 2.90
CA THR B 198 -8.18 35.75 2.86
C THR B 198 -7.84 36.73 1.72
N HIS B 199 -8.87 37.30 1.11
CA HIS B 199 -8.73 38.25 -0.01
C HIS B 199 -7.94 37.68 -1.18
N ARG B 200 -8.22 36.42 -1.49
CA ARG B 200 -7.48 35.70 -2.53
C ARG B 200 -8.37 35.25 -3.68
N GLN B 201 -9.53 35.89 -3.82
CA GLN B 201 -10.45 35.60 -4.92
C GLN B 201 -9.77 35.63 -6.28
N SER B 202 -8.71 36.44 -6.39
CA SER B 202 -8.02 36.58 -7.68
C SER B 202 -7.34 35.31 -8.20
N ILE B 203 -7.05 34.33 -7.34
CA ILE B 203 -6.37 33.14 -7.84
C ILE B 203 -7.28 32.25 -8.67
N LEU B 204 -8.58 32.36 -8.44
CA LEU B 204 -9.59 31.57 -9.17
C LEU B 204 -9.45 31.65 -10.68
N ALA B 205 -9.08 32.81 -11.21
CA ALA B 205 -8.92 32.98 -12.65
C ALA B 205 -7.56 32.48 -13.09
N LYS B 206 -6.65 32.27 -12.16
CA LYS B 206 -5.31 31.83 -12.51
C LYS B 206 -5.07 30.33 -12.38
N LEU B 207 -6.06 29.59 -11.87
CA LEU B 207 -5.92 28.15 -11.70
C LEU B 207 -5.75 27.48 -13.07
N PRO B 208 -5.13 26.29 -13.11
CA PRO B 208 -4.98 25.53 -14.36
C PRO B 208 -6.33 25.36 -15.05
N PRO B 209 -6.38 25.62 -16.36
CA PRO B 209 -7.60 25.27 -17.09
C PRO B 209 -7.83 23.79 -16.87
N LYS B 210 -9.03 23.37 -16.49
CA LYS B 210 -9.21 21.94 -16.26
C LYS B 210 -9.10 21.22 -17.60
N GLY B 211 -8.54 20.02 -17.55
CA GLY B 211 -8.11 19.35 -18.75
C GLY B 211 -6.60 19.38 -18.80
N LYS B 212 -6.00 20.48 -18.36
CA LYS B 212 -4.54 20.60 -18.38
C LYS B 212 -3.90 19.65 -17.38
N LEU B 213 -4.56 19.47 -16.23
CA LEU B 213 -4.05 18.62 -15.18
C LEU B 213 -4.23 17.17 -15.60
N ARG B 214 -5.40 16.87 -16.18
CA ARG B 214 -5.73 15.53 -16.64
C ARG B 214 -4.85 15.11 -17.81
N SER B 215 -4.65 16.02 -18.75
CA SER B 215 -3.82 15.73 -19.93
C SER B 215 -2.39 15.43 -19.51
N LEU B 216 -1.84 16.26 -18.63
CA LEU B 216 -0.51 16.03 -18.09
C LEU B 216 -0.47 14.67 -17.40
N CYS B 217 -1.47 14.41 -16.56
CA CYS B 217 -1.50 13.18 -15.79
C CYS B 217 -1.58 11.96 -16.68
N SER B 218 -2.20 12.12 -17.85
CA SER B 218 -2.30 11.02 -18.81
C SER B 218 -0.94 10.66 -19.43
N GLN B 219 -0.18 11.68 -19.82
CA GLN B 219 1.16 11.46 -20.36
C GLN B 219 2.09 10.93 -19.28
N HIS B 220 1.84 11.32 -18.04
CA HIS B 220 2.62 10.84 -16.90
C HIS B 220 2.39 9.35 -16.66
N VAL B 221 1.11 8.97 -16.48
CA VAL B 221 0.71 7.60 -16.20
C VAL B 221 1.18 6.61 -17.26
N GLU B 222 0.98 6.96 -18.53
CA GLU B 222 1.39 6.12 -19.66
C GLU B 222 2.87 5.79 -19.53
N ARG B 223 3.67 6.79 -19.19
CA ARG B 223 5.11 6.63 -19.05
C ARG B 223 5.48 5.80 -17.83
N LEU B 224 4.67 5.89 -16.78
CA LEU B 224 4.82 5.02 -15.62
C LEU B 224 4.38 3.60 -16.01
N GLN B 225 3.71 3.51 -17.15
CA GLN B 225 3.11 2.28 -17.69
C GLN B 225 2.29 1.49 -16.69
N GLN B 236 -4.55 7.13 -14.65
CA GLN B 236 -5.24 6.46 -13.55
C GLN B 236 -4.35 5.40 -12.90
N ALA B 237 -4.25 5.43 -11.58
CA ALA B 237 -3.61 4.36 -10.82
C ALA B 237 -4.56 3.17 -10.87
N ALA B 238 -4.02 1.96 -11.05
CA ALA B 238 -4.86 0.77 -11.12
C ALA B 238 -5.75 0.59 -9.88
N PHE B 239 -6.95 0.00 -10.08
CA PHE B 239 -7.87 -0.37 -9.00
C PHE B 239 -7.15 -0.97 -7.76
N PRO B 240 -6.25 -1.97 -7.96
CA PRO B 240 -5.71 -2.61 -6.75
C PRO B 240 -4.63 -1.90 -5.92
N PRO B 241 -3.60 -1.25 -6.53
CA PRO B 241 -2.71 -0.54 -5.61
C PRO B 241 -3.55 0.46 -4.85
N LEU B 242 -4.52 1.03 -5.56
CA LEU B 242 -5.48 1.95 -4.98
C LEU B 242 -6.11 1.31 -3.76
N TYR B 243 -6.74 0.16 -3.95
CA TYR B 243 -7.26 -0.59 -2.82
C TYR B 243 -6.18 -0.70 -1.73
N LYS B 244 -4.97 -1.07 -2.16
CA LYS B 244 -3.87 -1.34 -1.22
C LYS B 244 -3.46 -0.11 -0.40
N GLU B 245 -3.40 1.06 -1.05
CA GLU B 245 -3.11 2.28 -0.29
C GLU B 245 -4.21 2.47 0.74
N LEU B 246 -5.45 2.22 0.31
CA LEU B 246 -6.63 2.43 1.16
C LEU B 246 -6.62 1.49 2.37
N PHE B 247 -6.22 0.23 2.15
CA PHE B 247 -6.11 -0.70 3.27
C PHE B 247 -4.79 -1.43 3.24
N SER B 248 -3.73 -0.78 3.71
CA SER B 248 -2.36 -1.30 3.58
C SER B 248 -2.20 -2.78 3.94
N GLY B 249 -2.95 -3.20 4.95
CA GLY B 249 -3.17 -4.60 5.17
C GLY B 249 -4.45 -4.67 5.95
N ASN B 250 -4.52 -5.60 6.89
CA ASN B 250 -5.47 -5.50 8.00
C ASN B 250 -6.96 -5.51 7.65
N SER B 251 -7.29 -5.30 6.38
CA SER B 251 -8.67 -5.34 5.90
C SER B 251 -8.90 -6.45 4.87
C1 39K C . 4.71 -13.27 15.89
C2 39K C . 3.20 -12.97 15.88
C3 39K C . 2.51 -13.99 16.79
C4 39K C . 2.94 -11.57 16.44
N5 39K C . 2.81 -10.53 15.41
C6 39K C . 4.02 -9.90 14.83
C7 39K C . 4.40 -10.34 13.43
C8 39K C . 3.90 -9.84 12.30
C9 39K C . 4.40 -10.37 11.13
C10 39K C . 5.36 -11.32 11.31
S11 39K C . 5.62 -11.57 13.03
C12 39K C . 6.02 -12.08 10.22
C13 39K C . 6.30 -11.49 8.99
C14 39K C . 6.89 -12.26 8.00
C15 39K C . 7.17 -13.60 8.21
C16 39K C . 6.87 -14.18 9.42
C17 39K C . 6.30 -13.43 10.43
S18 39K C . 7.90 -14.56 6.94
O19 39K C . 6.81 -14.94 6.10
O20 39K C . 8.70 -15.52 7.58
C21 39K C . 8.88 -13.33 6.08
S22 39K C . 1.28 -10.02 14.99
O23 39K C . 0.78 -11.01 14.10
O24 39K C . 1.48 -8.69 14.54
C25 39K C . 0.38 -10.05 16.57
C26 39K C . -0.69 -8.97 16.72
C27 39K C . -0.36 -7.64 16.90
C28 39K C . -1.33 -6.67 17.05
C29 39K C . -2.66 -7.02 17.04
C30 39K C . -3.01 -8.35 16.87
C31 39K C . -2.03 -9.32 16.72
S DMS D . 9.49 -9.27 11.02
O DMS D . 10.40 -8.33 11.75
C1 DMS D . 10.06 -9.51 9.31
C2 DMS D . 9.77 -10.95 11.64
C1 39K E . 9.60 15.73 -10.31
C2 39K E . 9.57 14.98 -11.63
C3 39K E . 10.00 15.95 -12.73
C4 39K E . 10.58 13.84 -11.57
N5 39K E . 10.14 12.69 -10.78
C6 39K E . 10.74 12.43 -9.46
C7 39K E . 9.85 12.69 -8.27
C8 39K E . 8.92 11.85 -7.79
C9 39K E . 8.23 12.29 -6.68
C10 39K E . 8.60 13.52 -6.26
S11 39K E . 9.87 14.16 -7.30
C12 39K E . 8.01 14.26 -5.13
C13 39K E . 7.00 13.67 -4.38
C14 39K E . 6.45 14.38 -3.33
C15 39K E . 6.88 15.66 -3.05
C16 39K E . 7.88 16.25 -3.80
C17 39K E . 8.45 15.55 -4.85
S18 39K E . 6.15 16.54 -1.71
O19 39K E . 6.71 17.84 -1.76
O20 39K E . 4.75 16.33 -1.87
C21 39K E . 6.79 15.61 -0.30
S22 39K E . 9.03 11.61 -11.41
O23 39K E . 9.09 10.52 -10.52
O24 39K E . 7.81 12.32 -11.61
C25 39K E . 9.79 11.22 -13.02
C26 39K E . 9.13 10.07 -13.73
C27 39K E . 9.60 8.79 -13.55
C28 39K E . 9.00 7.72 -14.19
C29 39K E . 7.93 7.94 -15.04
C30 39K E . 7.47 9.23 -15.23
C31 39K E . 8.07 10.30 -14.58
S DMS F . 11.72 12.78 -2.65
O DMS F . 13.13 12.32 -2.42
C1 DMS F . 11.60 14.57 -2.39
C2 DMS F . 11.34 12.71 -4.41
#